data_3WSR
#
_entry.id   3WSR
#
_cell.length_a   54.369
_cell.length_b   51.194
_cell.length_c   54.099
_cell.angle_alpha   90.00
_cell.angle_beta   112.77
_cell.angle_gamma   90.00
#
_symmetry.space_group_name_H-M   'P 1 21 1'
#
loop_
_entity.id
_entity.type
_entity.pdbx_description
1 polymer 'C-type lectin domain family 1 member B'
2 polymer 'Peptide from Podoplanin'
3 branched 'beta-D-galactopyranose-(1-3)-[N-acetyl-alpha-neuraminic acid-(2-6)]2-acetamido-2-deoxy-alpha-D-galactopyranose'
4 water water
#
loop_
_entity_poly.entity_id
_entity_poly.type
_entity_poly.pdbx_seq_one_letter_code
_entity_poly.pdbx_strand_id
1 'polypeptide(L)'
;GSGHKSSPCDTNWRYYGDSCYGFFRHNLTWEESKQYCTDMNATLLKIDNRNIVEYIKARTHLIRWVGLSRQKSNEVWKWE
DGSVISENMFEFLEDGKGNMNCAYFHNGKMHPTFCENKHYLMCERKAG
;
A,B
2 'polypeptide(L)' EGGVAMPGAEDDVVTPGC C,D
#
# COMPACT_ATOMS: atom_id res chain seq x y z
N PRO A 8 -4.56 -12.50 -9.71
CA PRO A 8 -4.28 -13.83 -9.21
C PRO A 8 -3.95 -13.87 -7.71
N CYS A 9 -3.45 -12.76 -7.16
CA CYS A 9 -3.04 -12.69 -5.77
C CYS A 9 -3.84 -11.61 -5.07
N ASP A 10 -4.07 -11.82 -3.78
CA ASP A 10 -4.63 -10.75 -2.93
C ASP A 10 -3.72 -9.55 -2.97
N THR A 11 -4.30 -8.39 -2.69
CA THR A 11 -3.62 -7.11 -2.76
C THR A 11 -2.37 -7.12 -1.84
N ASN A 12 -1.24 -6.71 -2.40
CA ASN A 12 0.06 -6.64 -1.72
C ASN A 12 0.74 -8.00 -1.44
N TRP A 13 0.19 -9.07 -2.00
CA TRP A 13 0.86 -10.36 -2.09
C TRP A 13 1.52 -10.41 -3.47
N ARG A 14 2.75 -10.87 -3.52
CA ARG A 14 3.59 -10.79 -4.72
C ARG A 14 3.40 -12.01 -5.58
N TYR A 15 3.09 -11.81 -6.86
CA TYR A 15 2.84 -12.92 -7.77
C TYR A 15 4.18 -13.43 -8.32
N TYR A 16 4.58 -14.64 -7.97
CA TYR A 16 5.83 -15.23 -8.52
C TYR A 16 5.72 -16.71 -8.75
N GLY A 17 6.14 -17.14 -9.95
CA GLY A 17 5.98 -18.51 -10.39
C GLY A 17 4.56 -19.01 -10.19
N ASP A 18 4.44 -20.14 -9.53
CA ASP A 18 3.11 -20.69 -9.26
C ASP A 18 2.26 -19.79 -8.33
N SER A 19 2.92 -19.02 -7.45
CA SER A 19 2.37 -18.69 -6.13
C SER A 19 2.30 -17.21 -5.77
N CYS A 20 1.69 -16.97 -4.61
CA CYS A 20 1.54 -15.66 -4.04
C CYS A 20 2.35 -15.58 -2.74
N TYR A 21 3.20 -14.57 -2.61
CA TYR A 21 4.07 -14.42 -1.40
C TYR A 21 3.73 -13.18 -0.63
N GLY A 22 3.53 -13.36 0.69
CA GLY A 22 3.25 -12.29 1.62
C GLY A 22 4.41 -12.14 2.57
N PHE A 23 4.78 -10.91 2.87
CA PHE A 23 5.88 -10.61 3.80
C PHE A 23 5.39 -9.82 5.00
N PHE A 24 5.88 -10.20 6.18
CA PHE A 24 5.34 -9.70 7.43
C PHE A 24 6.42 -9.45 8.48
N ARG A 25 6.45 -8.22 8.96
CA ARG A 25 7.37 -7.83 10.02
C ARG A 25 6.71 -7.86 11.38
N HIS A 26 6.39 -9.07 11.84
CA HIS A 26 5.98 -9.29 13.23
C HIS A 26 7.00 -10.23 13.82
N ASN A 27 7.49 -9.97 15.03
CA ASN A 27 8.51 -10.80 15.67
C ASN A 27 7.85 -11.97 16.34
N LEU A 28 7.88 -13.13 15.69
CA LEU A 28 7.13 -14.31 16.15
C LEU A 28 8.08 -15.51 16.24
N THR A 29 7.76 -16.47 17.11
CA THR A 29 8.49 -17.71 17.17
C THR A 29 8.17 -18.53 15.90
N TRP A 30 8.91 -19.60 15.68
CA TRP A 30 8.62 -20.43 14.50
C TRP A 30 7.19 -20.96 14.54
N GLU A 31 6.78 -21.52 15.66
CA GLU A 31 5.41 -22.05 15.76
C GLU A 31 4.35 -20.97 15.60
N GLU A 32 4.61 -19.77 16.13
CA GLU A 32 3.69 -18.67 16.00
C GLU A 32 3.61 -18.24 14.55
N SER A 33 4.75 -18.27 13.85
CA SER A 33 4.80 -17.93 12.45
C SER A 33 4.03 -18.94 11.57
N LYS A 34 4.16 -20.21 11.92
CA LYS A 34 3.42 -21.27 11.24
C LYS A 34 1.91 -20.99 11.34
N GLN A 35 1.46 -20.69 12.55
CA GLN A 35 0.06 -20.37 12.82
C GLN A 35 -0.37 -19.11 12.08
N TYR A 36 0.50 -18.12 12.05
CA TYR A 36 0.19 -16.86 11.39
C TYR A 36 -0.15 -17.12 9.91
N CYS A 37 0.71 -17.89 9.25
CA CYS A 37 0.50 -18.23 7.84
C CYS A 37 -0.80 -19.03 7.70
N THR A 38 -1.00 -20.01 8.57
CA THR A 38 -2.24 -20.78 8.59
C THR A 38 -3.49 -19.91 8.75
N ASP A 39 -3.43 -18.94 9.66
CA ASP A 39 -4.51 -17.96 9.82
C ASP A 39 -4.78 -17.16 8.52
N MET A 40 -3.74 -16.97 7.70
CA MET A 40 -3.87 -16.27 6.42
C MET A 40 -4.17 -17.23 5.25
N ASN A 41 -4.55 -18.47 5.55
CA ASN A 41 -4.81 -19.51 4.54
C ASN A 41 -3.60 -19.75 3.62
N ALA A 42 -2.43 -19.77 4.26
CA ALA A 42 -1.16 -19.87 3.59
C ALA A 42 -0.27 -20.81 4.41
N THR A 43 0.96 -21.01 3.95
CA THR A 43 1.93 -21.77 4.72
C THR A 43 3.26 -21.03 4.73
N LEU A 44 4.11 -21.36 5.69
CA LEU A 44 5.48 -20.90 5.63
C LEU A 44 6.17 -21.36 4.34
N LEU A 45 7.17 -20.60 3.88
CA LEU A 45 7.77 -20.87 2.59
C LEU A 45 8.52 -22.20 2.47
N LYS A 46 8.42 -22.75 1.27
CA LYS A 46 9.25 -23.87 0.85
C LYS A 46 10.31 -23.32 -0.09
N ILE A 47 11.59 -23.39 0.32
CA ILE A 47 12.68 -22.93 -0.53
C ILE A 47 13.42 -24.14 -1.06
N ASP A 48 12.90 -24.64 -2.16
CA ASP A 48 13.26 -25.95 -2.69
C ASP A 48 14.08 -25.91 -3.98
N ASN A 49 14.40 -24.70 -4.45
CA ASN A 49 15.19 -24.54 -5.66
C ASN A 49 15.90 -23.19 -5.74
N ARG A 50 16.83 -23.11 -6.69
CA ARG A 50 17.75 -21.99 -6.81
C ARG A 50 16.99 -20.75 -7.22
N ASN A 51 15.94 -20.94 -8.02
CA ASN A 51 15.14 -19.82 -8.49
C ASN A 51 14.50 -19.08 -7.35
N ILE A 52 13.88 -19.82 -6.43
CA ILE A 52 13.18 -19.16 -5.32
C ILE A 52 14.18 -18.53 -4.37
N VAL A 53 15.34 -19.16 -4.18
CA VAL A 53 16.40 -18.51 -3.39
C VAL A 53 16.69 -17.11 -3.92
N GLU A 54 16.88 -16.99 -5.22
CA GLU A 54 17.27 -15.70 -5.80
C GLU A 54 16.14 -14.66 -5.75
N TYR A 55 14.91 -15.13 -6.01
CA TYR A 55 13.73 -14.28 -5.89
C TYR A 55 13.60 -13.66 -4.48
N ILE A 56 13.70 -14.49 -3.45
CA ILE A 56 13.55 -14.00 -2.10
C ILE A 56 14.72 -13.08 -1.73
N LYS A 57 15.92 -13.53 -2.06
CA LYS A 57 17.15 -12.78 -1.77
C LYS A 57 17.10 -11.37 -2.39
N ALA A 58 16.52 -11.25 -3.58
CA ALA A 58 16.47 -9.97 -4.30
C ALA A 58 15.52 -8.96 -3.63
N ARG A 59 14.59 -9.51 -2.84
CA ARG A 59 13.41 -8.87 -2.29
C ARG A 59 13.54 -8.47 -0.80
N THR A 60 14.37 -9.18 -0.03
CA THR A 60 14.49 -8.95 1.42
C THR A 60 15.87 -9.36 1.96
N HIS A 61 16.34 -8.59 2.95
CA HIS A 61 17.65 -8.76 3.58
C HIS A 61 17.52 -9.01 5.06
N LEU A 62 16.29 -9.13 5.54
CA LEU A 62 16.04 -9.30 6.93
C LEU A 62 15.87 -10.78 7.13
N ILE A 63 16.25 -11.25 8.32
CA ILE A 63 16.00 -12.64 8.71
C ILE A 63 14.50 -12.90 8.68
N ARG A 64 14.09 -13.95 7.95
CA ARG A 64 12.71 -14.38 7.94
C ARG A 64 12.61 -15.88 8.00
N TRP A 65 11.71 -16.33 8.86
CA TRP A 65 11.44 -17.74 9.01
C TRP A 65 11.00 -18.37 7.70
N VAL A 66 11.36 -19.64 7.50
CA VAL A 66 10.77 -20.48 6.42
C VAL A 66 10.23 -21.76 7.01
N GLY A 67 9.52 -22.55 6.19
CA GLY A 67 8.80 -23.71 6.72
C GLY A 67 9.61 -24.98 6.96
N LEU A 68 10.88 -24.84 7.34
CA LEU A 68 11.75 -25.99 7.56
C LEU A 68 11.97 -26.25 9.04
N SER A 69 11.74 -27.49 9.46
CA SER A 69 11.97 -27.87 10.84
C SER A 69 12.26 -29.36 10.94
N ARG A 70 12.81 -29.75 12.07
CA ARG A 70 13.06 -31.17 12.33
C ARG A 70 12.52 -31.52 13.70
N GLN A 71 11.99 -32.73 13.81
CA GLN A 71 11.32 -33.14 15.05
C GLN A 71 12.29 -33.13 16.21
N LYS A 72 13.51 -33.55 15.93
CA LYS A 72 14.54 -33.64 16.93
C LYS A 72 15.83 -33.44 16.18
N SER A 73 16.87 -32.98 16.87
CA SER A 73 18.14 -32.64 16.21
C SER A 73 18.75 -33.79 15.41
N ASN A 74 18.43 -35.04 15.76
CA ASN A 74 18.93 -36.18 15.00
C ASN A 74 17.92 -36.72 13.95
N GLU A 75 16.90 -35.91 13.60
CA GLU A 75 15.96 -36.30 12.55
C GLU A 75 16.06 -35.37 11.38
N VAL A 76 15.41 -35.75 10.30
CA VAL A 76 15.58 -35.06 9.06
C VAL A 76 14.83 -33.72 9.08
N TRP A 77 15.40 -32.74 8.40
CA TRP A 77 14.70 -31.50 8.13
C TRP A 77 13.58 -31.74 7.12
N LYS A 78 12.37 -31.25 7.42
CA LYS A 78 11.23 -31.38 6.52
C LYS A 78 10.60 -30.03 6.25
N TRP A 79 10.02 -29.89 5.06
CA TRP A 79 9.19 -28.75 4.75
C TRP A 79 7.80 -28.94 5.34
N GLU A 80 7.01 -27.88 5.33
CA GLU A 80 5.65 -27.94 5.83
C GLU A 80 4.74 -28.92 5.08
N ASP A 81 5.05 -29.22 3.83
CA ASP A 81 4.28 -30.17 3.03
C ASP A 81 4.67 -31.64 3.29
N GLY A 82 5.53 -31.87 4.28
CA GLY A 82 5.97 -33.23 4.65
C GLY A 82 7.19 -33.75 3.90
N SER A 83 7.65 -33.00 2.90
CA SER A 83 8.79 -33.42 2.08
C SER A 83 10.13 -33.15 2.77
N VAL A 84 11.11 -34.04 2.56
CA VAL A 84 12.45 -33.87 3.10
C VAL A 84 13.19 -32.88 2.20
N ILE A 85 14.14 -32.16 2.76
CA ILE A 85 14.85 -31.18 1.94
C ILE A 85 15.63 -31.91 0.82
N SER A 86 15.59 -31.31 -0.37
CA SER A 86 16.21 -31.86 -1.59
C SER A 86 17.72 -31.92 -1.46
N GLU A 87 18.33 -32.87 -2.17
CA GLU A 87 19.78 -33.03 -2.14
C GLU A 87 20.48 -31.75 -2.57
N ASN A 88 20.09 -31.21 -3.73
CA ASN A 88 20.78 -30.04 -4.28
C ASN A 88 20.47 -28.71 -3.59
N MET A 89 19.76 -28.76 -2.46
CA MET A 89 19.50 -27.60 -1.62
C MET A 89 20.30 -27.62 -0.31
N PHE A 90 21.00 -28.73 -0.03
CA PHE A 90 21.85 -28.83 1.16
C PHE A 90 22.99 -27.83 1.14
N GLU A 91 23.46 -27.51 -0.06
CA GLU A 91 24.46 -26.46 -0.24
C GLU A 91 24.03 -25.17 0.45
N PHE A 92 22.73 -24.88 0.41
CA PHE A 92 22.20 -23.64 0.98
C PHE A 92 21.85 -23.70 2.48
N LEU A 93 22.07 -24.84 3.13
CA LEU A 93 21.69 -25.04 4.52
C LEU A 93 22.93 -25.09 5.38
N GLU A 94 23.07 -24.13 6.29
CA GLU A 94 24.22 -24.08 7.20
C GLU A 94 24.00 -25.11 8.29
N ASP A 95 25.07 -25.54 8.96
CA ASP A 95 24.92 -26.53 10.01
C ASP A 95 24.55 -25.83 11.31
N GLY A 96 23.85 -26.55 12.18
CA GLY A 96 23.42 -25.98 13.45
C GLY A 96 23.86 -26.86 14.61
N LYS A 97 23.48 -26.45 15.81
CA LYS A 97 23.76 -27.21 17.01
C LYS A 97 22.54 -28.06 17.30
N GLY A 98 22.66 -28.86 18.36
CA GLY A 98 21.51 -29.59 18.87
C GLY A 98 20.50 -28.62 19.42
N ASN A 99 19.24 -29.01 19.39
CA ASN A 99 18.15 -28.18 19.83
C ASN A 99 18.00 -26.83 19.11
N MET A 100 18.62 -26.68 17.93
CA MET A 100 18.20 -25.68 16.92
C MET A 100 17.44 -26.44 15.82
N ASN A 101 16.11 -26.52 15.97
CA ASN A 101 15.30 -27.39 15.10
C ASN A 101 14.34 -26.70 14.13
N CYS A 102 14.58 -25.41 13.88
CA CYS A 102 13.79 -24.58 12.98
C CYS A 102 14.72 -23.67 12.23
N ALA A 103 14.40 -23.32 11.00
CA ALA A 103 15.34 -22.62 10.17
C ALA A 103 14.73 -21.37 9.64
N TYR A 104 15.57 -20.36 9.45
CA TYR A 104 15.16 -19.16 8.72
C TYR A 104 15.99 -18.97 7.47
N PHE A 105 15.56 -18.04 6.63
CA PHE A 105 16.29 -17.68 5.40
C PHE A 105 16.95 -16.33 5.61
N HIS A 106 18.24 -16.22 5.30
CA HIS A 106 18.90 -14.92 5.38
C HIS A 106 19.97 -14.76 4.32
N ASN A 107 19.76 -13.77 3.46
CA ASN A 107 20.69 -13.40 2.37
C ASN A 107 21.24 -14.62 1.64
N GLY A 108 20.31 -15.42 1.14
CA GLY A 108 20.63 -16.52 0.25
C GLY A 108 20.92 -17.86 0.85
N LYS A 109 20.95 -17.97 2.18
CA LYS A 109 21.14 -19.26 2.83
C LYS A 109 20.09 -19.45 3.90
N MET A 110 19.95 -20.70 4.33
CA MET A 110 19.10 -21.08 5.44
C MET A 110 19.92 -21.47 6.66
N HIS A 111 19.46 -21.06 7.82
CA HIS A 111 20.23 -21.19 9.06
C HIS A 111 19.34 -21.84 10.08
N PRO A 112 19.77 -22.99 10.67
CA PRO A 112 19.08 -23.51 11.85
C PRO A 112 19.23 -22.56 13.04
N THR A 113 18.17 -22.43 13.84
CA THR A 113 18.25 -21.65 15.09
C THR A 113 17.28 -22.18 16.14
N PHE A 114 17.23 -21.53 17.29
CA PHE A 114 16.21 -21.87 18.28
C PHE A 114 14.81 -21.56 17.79
N CYS A 115 13.93 -22.56 17.90
CA CYS A 115 12.55 -22.42 17.46
C CYS A 115 11.81 -21.32 18.24
N GLU A 116 12.19 -21.13 19.50
CA GLU A 116 11.58 -20.12 20.37
C GLU A 116 12.24 -18.73 20.27
N ASN A 117 13.30 -18.58 19.46
CA ASN A 117 13.70 -17.22 19.10
C ASN A 117 12.62 -16.62 18.22
N LYS A 118 12.54 -15.29 18.19
CA LYS A 118 11.56 -14.61 17.34
C LYS A 118 12.20 -13.87 16.15
N HIS A 119 11.51 -13.94 15.02
CA HIS A 119 11.96 -13.34 13.77
C HIS A 119 10.75 -12.98 12.95
N TYR A 120 10.98 -12.10 12.00
CA TYR A 120 10.01 -11.82 10.94
C TYR A 120 9.76 -13.05 10.05
N LEU A 121 8.85 -12.91 9.09
CA LEU A 121 8.42 -14.09 8.36
C LEU A 121 7.81 -13.74 7.02
N MET A 122 7.33 -14.77 6.34
CA MET A 122 6.71 -14.63 5.04
C MET A 122 5.90 -15.86 4.83
N CYS A 123 4.89 -15.77 3.98
CA CYS A 123 3.97 -16.87 3.74
C CYS A 123 3.74 -17.04 2.24
N GLU A 124 3.22 -18.20 1.91
CA GLU A 124 3.06 -18.70 0.56
C GLU A 124 1.65 -19.23 0.44
N ARG A 125 0.96 -18.91 -0.66
CA ARG A 125 -0.21 -19.68 -1.07
C ARG A 125 -0.35 -19.72 -2.58
N LYS A 126 -1.10 -20.69 -3.04
CA LYS A 126 -1.42 -20.79 -4.46
C LYS A 126 -2.24 -19.61 -4.98
N ALA A 127 -2.05 -19.30 -6.25
CA ALA A 127 -2.77 -18.22 -6.91
C ALA A 127 -4.22 -18.63 -7.16
N PRO B 8 9.22 16.96 5.02
CA PRO B 8 8.34 18.10 4.78
C PRO B 8 6.85 17.74 4.70
N CYS B 9 6.53 16.51 4.30
CA CYS B 9 5.15 16.01 4.24
C CYS B 9 5.12 14.62 4.83
N ASP B 10 3.98 14.23 5.38
CA ASP B 10 3.83 12.88 5.93
C ASP B 10 3.86 11.77 4.89
N THR B 11 3.89 10.53 5.38
CA THR B 11 3.92 9.35 4.53
C THR B 11 2.74 9.36 3.54
N ASN B 12 3.07 9.19 2.25
CA ASN B 12 2.13 9.21 1.13
C ASN B 12 1.59 10.59 0.68
N TRP B 13 1.98 11.66 1.36
CA TRP B 13 1.61 13.03 0.98
C TRP B 13 2.71 13.62 0.11
N ARG B 14 2.34 14.31 -0.98
CA ARG B 14 3.28 14.78 -2.01
C ARG B 14 3.58 16.28 -1.86
N TYR B 15 4.86 16.61 -1.86
CA TYR B 15 5.29 18.00 -1.68
C TYR B 15 5.25 18.71 -3.00
N TYR B 16 4.51 19.81 -3.07
CA TYR B 16 4.52 20.65 -4.25
C TYR B 16 4.15 22.10 -3.91
N GLY B 17 4.93 23.04 -4.46
CA GLY B 17 4.86 24.44 -4.04
C GLY B 17 5.14 24.55 -2.56
N ASP B 18 4.24 25.24 -1.84
CA ASP B 18 4.34 25.34 -0.39
C ASP B 18 3.39 24.33 0.32
N SER B 19 2.93 23.32 -0.43
CA SER B 19 1.84 22.44 0.02
C SER B 19 2.15 20.96 -0.04
N CYS B 20 1.40 20.20 0.78
CA CYS B 20 1.47 18.75 0.77
C CYS B 20 0.10 18.26 0.27
N TYR B 21 0.12 17.35 -0.69
CA TYR B 21 -1.12 16.83 -1.30
C TYR B 21 -1.30 15.36 -1.03
N GLY B 22 -2.51 14.96 -0.63
CA GLY B 22 -2.81 13.57 -0.39
C GLY B 22 -3.98 13.18 -1.26
N PHE B 23 -3.95 11.93 -1.74
CA PHE B 23 -4.96 11.46 -2.65
C PHE B 23 -5.62 10.23 -2.01
N PHE B 24 -6.94 10.14 -2.14
CA PHE B 24 -7.75 9.12 -1.47
C PHE B 24 -8.84 8.54 -2.37
N ARG B 25 -8.82 7.22 -2.47
CA ARG B 25 -9.78 6.47 -3.27
C ARG B 25 -10.85 5.89 -2.32
N HIS B 26 -11.61 6.78 -1.71
CA HIS B 26 -12.83 6.42 -0.99
C HIS B 26 -13.99 7.07 -1.72
N ASN B 27 -15.12 6.37 -1.84
CA ASN B 27 -16.26 6.95 -2.55
C ASN B 27 -17.17 7.77 -1.64
N LEU B 28 -16.98 9.10 -1.70
CA LEU B 28 -17.59 10.00 -0.75
C LEU B 28 -18.37 11.11 -1.46
N THR B 29 -19.41 11.61 -0.80
CA THR B 29 -20.10 12.81 -1.27
C THR B 29 -19.16 14.00 -1.09
N TRP B 30 -19.50 15.14 -1.69
CA TRP B 30 -18.70 16.32 -1.50
C TRP B 30 -18.58 16.71 -0.01
N GLU B 31 -19.69 16.77 0.72
CA GLU B 31 -19.66 17.14 2.14
C GLU B 31 -18.84 16.14 2.94
N GLU B 32 -18.99 14.86 2.62
CA GLU B 32 -18.24 13.82 3.30
C GLU B 32 -16.73 13.97 3.01
N SER B 33 -16.38 14.38 1.78
CA SER B 33 -15.00 14.60 1.38
C SER B 33 -14.42 15.81 2.13
N LYS B 34 -15.20 16.88 2.22
CA LYS B 34 -14.86 18.02 3.05
C LYS B 34 -14.50 17.58 4.48
N GLN B 35 -15.40 16.84 5.11
CA GLN B 35 -15.14 16.33 6.45
C GLN B 35 -13.89 15.44 6.53
N TYR B 36 -13.72 14.55 5.55
CA TYR B 36 -12.53 13.67 5.46
C TYR B 36 -11.23 14.44 5.51
N CYS B 37 -11.14 15.51 4.71
CA CYS B 37 -9.95 16.37 4.70
C CYS B 37 -9.79 17.08 6.05
N THR B 38 -10.83 17.73 6.53
CA THR B 38 -10.83 18.34 7.88
C THR B 38 -10.29 17.35 8.93
N ASP B 39 -10.82 16.14 8.93
CA ASP B 39 -10.44 15.12 9.89
C ASP B 39 -8.98 14.72 9.76
N MET B 40 -8.35 15.03 8.63
CA MET B 40 -6.92 14.87 8.50
C MET B 40 -6.10 16.15 8.51
N ASN B 41 -6.61 17.19 9.17
CA ASN B 41 -5.94 18.49 9.31
C ASN B 41 -5.59 19.13 7.96
N ALA B 42 -6.52 19.00 7.03
CA ALA B 42 -6.33 19.42 5.65
C ALA B 42 -7.62 20.01 5.14
N THR B 43 -7.60 20.41 3.86
CA THR B 43 -8.79 20.88 3.19
C THR B 43 -8.83 20.29 1.80
N LEU B 44 -10.01 20.25 1.22
CA LEU B 44 -10.15 19.97 -0.20
C LEU B 44 -9.37 21.02 -1.01
N LEU B 45 -8.84 20.61 -2.15
CA LEU B 45 -7.92 21.44 -2.95
C LEU B 45 -8.51 22.75 -3.40
N LYS B 46 -7.69 23.80 -3.32
CA LYS B 46 -7.97 25.10 -3.96
C LYS B 46 -7.08 25.14 -5.17
N ILE B 47 -7.68 25.01 -6.35
CA ILE B 47 -6.95 25.00 -7.61
C ILE B 47 -7.06 26.39 -8.24
N ASP B 48 -6.24 27.31 -7.73
CA ASP B 48 -6.36 28.73 -8.05
C ASP B 48 -5.31 29.24 -9.05
N ASN B 49 -4.54 28.33 -9.65
CA ASN B 49 -3.64 28.70 -10.75
C ASN B 49 -3.37 27.54 -11.70
N ARG B 50 -2.90 27.91 -12.90
CA ARG B 50 -2.57 26.97 -13.97
C ARG B 50 -1.52 25.96 -13.55
N ASN B 51 -0.58 26.38 -12.69
CA ASN B 51 0.45 25.47 -12.18
C ASN B 51 -0.12 24.24 -11.47
N ILE B 52 -1.13 24.44 -10.62
CA ILE B 52 -1.72 23.36 -9.84
C ILE B 52 -2.55 22.48 -10.77
N VAL B 53 -3.23 23.09 -11.74
CA VAL B 53 -3.95 22.32 -12.76
C VAL B 53 -3.03 21.32 -13.46
N GLU B 54 -1.87 21.79 -13.94
CA GLU B 54 -0.89 20.91 -14.59
C GLU B 54 -0.38 19.83 -13.66
N TYR B 55 0.00 20.22 -12.44
CA TYR B 55 0.51 19.27 -11.44
C TYR B 55 -0.43 18.12 -11.12
N ILE B 56 -1.69 18.45 -10.86
CA ILE B 56 -2.70 17.43 -10.51
C ILE B 56 -3.02 16.55 -11.72
N LYS B 57 -3.18 17.17 -12.88
CA LYS B 57 -3.46 16.50 -14.14
C LYS B 57 -2.39 15.43 -14.44
N ALA B 58 -1.13 15.80 -14.21
CA ALA B 58 -0.02 14.87 -14.42
C ALA B 58 -0.02 13.66 -13.46
N ARG B 59 -0.69 13.81 -12.33
CA ARG B 59 -0.62 12.89 -11.20
C ARG B 59 -1.80 11.90 -11.11
N THR B 60 -2.96 12.32 -11.62
CA THR B 60 -4.17 11.47 -11.54
C THR B 60 -5.08 11.75 -12.74
N HIS B 61 -5.65 10.67 -13.28
CA HIS B 61 -6.64 10.74 -14.36
C HIS B 61 -8.04 10.31 -13.89
N LEU B 62 -8.26 10.23 -12.58
CA LEU B 62 -9.58 9.83 -12.05
C LEU B 62 -10.34 11.07 -11.56
N ILE B 63 -11.66 10.99 -11.60
CA ILE B 63 -12.50 12.05 -11.08
C ILE B 63 -12.23 12.18 -9.58
N ARG B 64 -11.94 13.39 -9.13
CA ARG B 64 -11.70 13.62 -7.71
C ARG B 64 -12.25 14.99 -7.30
N TRP B 65 -13.04 14.99 -6.22
CA TRP B 65 -13.61 16.19 -5.66
C TRP B 65 -12.54 17.25 -5.38
N VAL B 66 -12.89 18.51 -5.57
CA VAL B 66 -12.06 19.65 -5.13
C VAL B 66 -12.91 20.60 -4.28
N GLY B 67 -12.28 21.60 -3.70
CA GLY B 67 -12.97 22.47 -2.73
C GLY B 67 -13.85 23.59 -3.27
N LEU B 68 -14.43 23.41 -4.46
CA LEU B 68 -15.23 24.45 -5.11
C LEU B 68 -16.70 24.12 -4.98
N SER B 69 -17.48 25.05 -4.47
CA SER B 69 -18.95 24.86 -4.35
C SER B 69 -19.69 26.18 -4.46
N ARG B 70 -20.97 26.11 -4.74
CA ARG B 70 -21.81 27.30 -4.67
C ARG B 70 -23.04 26.98 -3.84
N GLN B 71 -23.59 27.98 -3.17
CA GLN B 71 -24.71 27.79 -2.25
C GLN B 71 -26.02 27.54 -3.03
N LYS B 72 -26.05 27.94 -4.29
CA LYS B 72 -27.23 27.76 -5.13
C LYS B 72 -26.82 28.03 -6.59
N SER B 73 -27.54 27.41 -7.53
CA SER B 73 -27.15 27.40 -8.94
C SER B 73 -26.83 28.77 -9.55
N ASN B 74 -27.51 29.81 -9.08
CA ASN B 74 -27.27 31.17 -9.56
C ASN B 74 -26.42 32.02 -8.62
N GLU B 75 -25.59 31.38 -7.80
CA GLU B 75 -24.61 32.05 -6.92
C GLU B 75 -23.22 31.71 -7.41
N VAL B 76 -22.26 32.56 -7.05
CA VAL B 76 -20.89 32.42 -7.49
C VAL B 76 -20.17 31.19 -6.89
N TRP B 77 -19.22 30.65 -7.62
CA TRP B 77 -18.43 29.51 -7.12
C TRP B 77 -17.35 30.00 -6.19
N LYS B 78 -17.24 29.34 -5.03
CA LYS B 78 -16.27 29.70 -4.02
C LYS B 78 -15.46 28.51 -3.54
N TRP B 79 -14.19 28.77 -3.25
CA TRP B 79 -13.30 27.80 -2.60
C TRP B 79 -13.61 27.66 -1.10
N GLU B 80 -13.01 26.66 -0.46
CA GLU B 80 -13.21 26.43 0.97
C GLU B 80 -12.77 27.60 1.83
N ASP B 81 -11.73 28.32 1.41
CA ASP B 81 -11.28 29.49 2.18
C ASP B 81 -12.26 30.67 2.05
N GLY B 82 -13.34 30.50 1.27
CA GLY B 82 -14.36 31.54 1.11
C GLY B 82 -14.13 32.42 -0.12
N SER B 83 -12.98 32.28 -0.78
CA SER B 83 -12.65 33.13 -1.92
C SER B 83 -13.44 32.68 -3.15
N VAL B 84 -13.88 33.66 -3.94
CA VAL B 84 -14.52 33.40 -5.24
C VAL B 84 -13.47 32.94 -6.27
N ILE B 85 -13.81 31.98 -7.12
CA ILE B 85 -12.90 31.55 -8.17
C ILE B 85 -12.43 32.77 -8.98
N SER B 86 -11.14 32.81 -9.32
CA SER B 86 -10.55 33.88 -10.16
C SER B 86 -11.09 33.82 -11.58
N GLU B 87 -11.06 34.96 -12.27
CA GLU B 87 -11.56 35.04 -13.64
C GLU B 87 -10.76 34.21 -14.61
N ASN B 88 -9.45 34.12 -14.40
CA ASN B 88 -8.60 33.35 -15.31
C ASN B 88 -8.65 31.84 -15.05
N MET B 89 -9.07 31.47 -13.84
CA MET B 89 -9.32 30.08 -13.49
C MET B 89 -10.70 29.63 -13.94
N PHE B 90 -11.57 30.61 -14.17
CA PHE B 90 -12.93 30.36 -14.64
C PHE B 90 -12.91 29.65 -16.01
N GLU B 91 -11.86 29.88 -16.80
CA GLU B 91 -11.57 29.13 -18.03
C GLU B 91 -11.44 27.61 -17.86
N PHE B 92 -11.06 27.16 -16.68
CA PHE B 92 -10.86 25.73 -16.44
C PHE B 92 -12.12 25.09 -15.89
N LEU B 93 -13.23 25.85 -15.83
CA LEU B 93 -14.49 25.35 -15.27
C LEU B 93 -15.57 25.25 -16.36
N GLU B 94 -16.05 24.04 -16.60
CA GLU B 94 -17.19 23.80 -17.49
C GLU B 94 -18.43 24.51 -17.00
N ASP B 95 -19.29 24.92 -17.93
CA ASP B 95 -20.51 25.69 -17.60
C ASP B 95 -21.44 24.96 -16.66
N GLY B 96 -22.05 25.71 -15.74
CA GLY B 96 -22.88 25.15 -14.66
C GLY B 96 -24.36 25.17 -14.98
N LYS B 97 -25.10 24.28 -14.32
CA LYS B 97 -26.52 24.11 -14.54
C LYS B 97 -27.23 24.03 -13.19
N GLY B 98 -28.54 23.84 -13.23
CA GLY B 98 -29.34 23.81 -12.00
C GLY B 98 -29.06 22.62 -11.11
N ASN B 99 -28.77 22.92 -9.84
CA ASN B 99 -28.61 21.91 -8.78
C ASN B 99 -27.38 21.01 -8.94
N MET B 100 -26.38 21.52 -9.65
CA MET B 100 -25.06 20.93 -9.73
C MET B 100 -24.13 21.94 -9.06
N ASN B 101 -24.03 21.85 -7.73
CA ASN B 101 -23.44 22.92 -6.93
C ASN B 101 -22.09 22.61 -6.25
N CYS B 102 -21.45 21.51 -6.65
CA CYS B 102 -20.14 21.10 -6.18
C CYS B 102 -19.32 20.66 -7.38
N ALA B 103 -18.02 20.94 -7.36
CA ALA B 103 -17.18 20.63 -8.50
C ALA B 103 -16.13 19.57 -8.22
N TYR B 104 -15.84 18.76 -9.24
CA TYR B 104 -14.70 17.87 -9.22
C TYR B 104 -13.68 18.23 -10.26
N PHE B 105 -12.47 17.69 -10.10
CA PHE B 105 -11.40 17.85 -11.07
C PHE B 105 -11.25 16.55 -11.86
N HIS B 106 -11.16 16.68 -13.18
CA HIS B 106 -10.91 15.52 -14.03
C HIS B 106 -10.13 15.93 -15.25
N ASN B 107 -8.91 15.42 -15.36
CA ASN B 107 -8.05 15.54 -16.54
C ASN B 107 -7.82 16.97 -17.02
N GLY B 108 -7.68 17.89 -16.08
CA GLY B 108 -7.32 19.27 -16.38
C GLY B 108 -8.45 20.26 -16.40
N LYS B 109 -9.67 19.81 -16.14
CA LYS B 109 -10.84 20.70 -16.04
C LYS B 109 -11.61 20.43 -14.77
N MET B 110 -12.34 21.44 -14.31
CA MET B 110 -13.27 21.24 -13.20
C MET B 110 -14.66 21.18 -13.76
N HIS B 111 -15.49 20.32 -13.16
CA HIS B 111 -16.84 20.08 -13.66
C HIS B 111 -17.83 20.14 -12.53
N PRO B 112 -18.89 20.96 -12.68
CA PRO B 112 -20.00 20.96 -11.74
C PRO B 112 -20.71 19.61 -11.74
N THR B 113 -21.16 19.14 -10.59
CA THR B 113 -21.96 17.93 -10.53
C THR B 113 -22.85 18.02 -9.30
N PHE B 114 -23.73 17.03 -9.14
CA PHE B 114 -24.61 16.92 -8.00
C PHE B 114 -23.78 16.63 -6.74
N CYS B 115 -23.99 17.43 -5.68
CA CYS B 115 -23.15 17.38 -4.47
C CYS B 115 -23.15 16.02 -3.76
N GLU B 116 -24.27 15.29 -3.85
CA GLU B 116 -24.38 13.99 -3.15
C GLU B 116 -23.91 12.81 -4.01
N ASN B 117 -23.35 13.06 -5.21
CA ASN B 117 -22.70 11.97 -5.94
C ASN B 117 -21.45 11.49 -5.21
N LYS B 118 -21.17 10.19 -5.29
CA LYS B 118 -19.99 9.62 -4.64
C LYS B 118 -18.82 9.63 -5.61
N HIS B 119 -17.67 10.14 -5.15
CA HIS B 119 -16.42 10.21 -5.91
C HIS B 119 -15.21 10.09 -4.99
N TYR B 120 -14.07 9.75 -5.59
CA TYR B 120 -12.77 9.88 -4.97
C TYR B 120 -12.41 11.33 -4.65
N LEU B 121 -11.29 11.55 -4.00
CA LEU B 121 -10.98 12.89 -3.52
C LEU B 121 -9.49 13.07 -3.32
N MET B 122 -9.13 14.26 -2.86
CA MET B 122 -7.76 14.62 -2.50
C MET B 122 -7.85 15.80 -1.55
N CYS B 123 -6.77 16.02 -0.81
CA CYS B 123 -6.71 17.04 0.23
C CYS B 123 -5.37 17.73 0.17
N GLU B 124 -5.30 18.94 0.73
CA GLU B 124 -4.05 19.65 0.85
C GLU B 124 -3.88 20.28 2.25
N ARG B 125 -2.63 20.46 2.63
CA ARG B 125 -2.29 21.25 3.79
C ARG B 125 -0.95 21.92 3.56
N LYS B 126 -0.59 22.83 4.45
CA LYS B 126 0.67 23.57 4.32
C LYS B 126 1.87 22.68 4.65
N ALA B 127 3.03 23.03 4.10
CA ALA B 127 4.32 22.40 4.46
C ALA B 127 4.29 21.59 5.76
N ALA C 9 12.83 -4.33 -1.67
CA ALA C 9 11.39 -3.99 -1.83
C ALA C 9 10.59 -4.17 -0.53
N GLU C 10 10.69 -5.35 0.10
CA GLU C 10 9.84 -5.69 1.24
C GLU C 10 10.20 -5.06 2.58
N ASP C 11 11.42 -4.53 2.73
CA ASP C 11 11.96 -4.24 4.06
C ASP C 11 11.75 -2.82 4.57
N ASP C 12 11.54 -1.88 3.66
CA ASP C 12 11.50 -0.45 3.98
C ASP C 12 10.10 0.14 3.77
N VAL C 13 9.15 -0.73 3.43
CA VAL C 13 7.75 -0.34 3.26
C VAL C 13 7.31 0.46 4.48
N VAL C 14 6.99 1.73 4.28
CA VAL C 14 6.50 2.61 5.35
C VAL C 14 4.99 2.72 5.19
N THR C 15 4.23 2.30 6.20
CA THR C 15 2.77 2.26 6.10
C THR C 15 2.14 3.39 6.89
N PRO C 16 1.13 4.04 6.32
CA PRO C 16 0.43 5.10 7.04
C PRO C 16 -0.33 4.57 8.24
N GLY C 17 -0.54 5.42 9.23
CA GLY C 17 -1.42 5.12 10.33
C GLY C 17 -2.84 5.04 9.82
N CYS C 18 -3.69 4.32 10.54
CA CYS C 18 -5.09 4.25 10.14
C CYS C 18 -5.84 5.49 10.58
N GLY D 8 -2.45 7.23 -14.31
CA GLY D 8 -1.74 8.27 -13.48
C GLY D 8 -1.13 7.66 -12.23
N ALA D 9 -0.03 8.26 -11.78
CA ALA D 9 0.79 7.76 -10.66
C ALA D 9 0.03 7.52 -9.35
N GLU D 10 -0.99 8.32 -9.07
CA GLU D 10 -1.74 8.17 -7.81
C GLU D 10 -2.89 7.19 -7.87
N ASP D 11 -3.15 6.64 -9.06
CA ASP D 11 -4.42 6.01 -9.35
C ASP D 11 -4.46 4.52 -9.09
N ASP D 12 -3.30 3.89 -9.06
CA ASP D 12 -3.22 2.43 -8.98
C ASP D 12 -2.24 1.93 -7.94
N VAL D 13 -2.10 2.65 -6.83
CA VAL D 13 -1.07 2.33 -5.85
C VAL D 13 -1.43 0.98 -5.18
N VAL D 14 -0.51 0.02 -5.23
CA VAL D 14 -0.66 -1.26 -4.53
C VAL D 14 -0.22 -1.02 -3.10
N THR D 15 -1.10 -1.32 -2.16
CA THR D 15 -0.90 -0.92 -0.78
C THR D 15 -1.03 -2.06 0.21
N PRO D 16 -0.18 -2.04 1.25
CA PRO D 16 -0.47 -2.80 2.46
C PRO D 16 -1.62 -2.13 3.20
N GLY D 17 -2.20 -2.82 4.16
CA GLY D 17 -3.12 -2.16 5.06
C GLY D 17 -2.42 -1.07 5.88
N CYS D 18 -3.20 -0.09 6.32
CA CYS D 18 -2.73 0.96 7.20
C CYS D 18 -2.35 0.42 8.57
#